data_7ZRR
#
_entry.id   7ZRR
#
_cell.length_a   120.906
_cell.length_b   120.906
_cell.length_c   42.716
_cell.angle_alpha   90.000
_cell.angle_beta   90.000
_cell.angle_gamma   120.000
#
_symmetry.space_group_name_H-M   'H 3'
#
loop_
_entity.id
_entity.type
_entity.pdbx_description
1 polymer 'Urokinase-type plasminogen activator'
2 polymer 'synthetic peptide UK965'
3 non-polymer 'PENTAETHYLENE GLYCOL'
4 non-polymer 1,2-ETHANEDIOL
5 non-polymer 'AMINO GROUP'
6 non-polymer 1,3,5-tris(bromomethyl)benzene
7 water water
#
loop_
_entity_poly.entity_id
_entity_poly.type
_entity_poly.pdbx_seq_one_letter_code
_entity_poly.pdbx_strand_id
1 'polypeptide(L)'
;DAAQPAGKKPSSPPEELKFQCGQKTLRPRFKIIGGEFTTIENQPWFAAIYRRHRGGSVTYVCGGSLISPCWVISATHCFI
DYPKKEDYIVYLGRSRLNSNTQGEMKFEVENLILHKDYSADTLAHHNDIALLKIRSKEGRCAQPSRTIQTIALPSMYNDP
QFGTSCEITGFGKEQSTDYLYPEQLKMTVVKLISHRECQQPHYYGSEVTTKMLCAADPQWKTDSCQGDSGGPLVCSLQGR
MTLTGIVSWGRGCALKDKPGVYTRVSHFLPWIRSHTKEENGLAL
;
A
2 'polypeptide(L)' CSRYEVDCRGRGGPCG B
#
# COMPACT_ATOMS: atom_id res chain seq x y z
N ILE A 32 -2.21 -6.37 8.56
CA ILE A 32 -1.30 -5.83 9.58
C ILE A 32 -1.22 -6.84 10.74
N ILE A 33 0.01 -7.23 11.07
CA ILE A 33 0.29 -7.98 12.28
C ILE A 33 0.39 -7.00 13.44
N GLY A 34 -0.30 -7.32 14.54
CA GLY A 34 -0.24 -6.44 15.71
C GLY A 34 -0.98 -5.13 15.44
N GLY A 35 -0.53 -4.07 16.08
CA GLY A 35 -1.17 -2.76 15.96
C GLY A 35 -2.61 -2.84 16.45
N GLU A 36 -3.48 -2.07 15.82
CA GLU A 36 -4.74 -1.70 16.44
C GLU A 36 -5.80 -1.60 15.34
N PHE A 37 -7.06 -1.95 15.64
CA PHE A 37 -8.11 -1.60 14.69
C PHE A 37 -8.27 -0.09 14.70
N THR A 38 -8.56 0.45 13.52
CA THR A 38 -8.74 1.88 13.41
C THR A 38 -10.01 2.13 12.60
N THR A 39 -10.20 3.40 12.21
N THR A 39 -10.21 3.41 12.24
CA THR A 39 -11.27 3.78 11.31
CA THR A 39 -11.29 3.79 11.33
C THR A 39 -10.64 4.69 10.27
C THR A 39 -10.68 4.72 10.30
N ILE A 40 -11.35 4.84 9.14
CA ILE A 40 -10.80 5.58 8.00
C ILE A 40 -10.48 7.04 8.36
N GLU A 41 -11.15 7.60 9.37
CA GLU A 41 -10.91 8.99 9.70
C GLU A 41 -9.49 9.19 10.20
N ASN A 42 -8.88 8.12 10.76
CA ASN A 42 -7.51 8.20 11.22
C ASN A 42 -6.49 7.99 10.09
N GLN A 43 -6.91 7.47 8.94
CA GLN A 43 -6.05 7.23 7.79
C GLN A 43 -6.82 7.64 6.53
N PRO A 44 -7.29 8.89 6.39
CA PRO A 44 -8.31 9.23 5.39
C PRO A 44 -7.85 9.24 3.93
N TRP A 45 -6.54 9.09 3.70
CA TRP A 45 -5.96 8.93 2.36
C TRP A 45 -5.97 7.47 1.90
N PHE A 46 -6.34 6.55 2.82
CA PHE A 46 -6.34 5.12 2.48
C PHE A 46 -7.41 4.75 1.45
N ALA A 47 -6.96 4.07 0.39
CA ALA A 47 -7.81 3.60 -0.70
C ALA A 47 -7.87 2.08 -0.66
N ALA A 48 -9.10 1.57 -0.76
CA ALA A 48 -9.38 0.13 -0.75
C ALA A 48 -9.72 -0.26 -2.18
N ILE A 49 -8.89 -1.14 -2.78
CA ILE A 49 -8.98 -1.44 -4.20
C ILE A 49 -9.45 -2.88 -4.38
N TYR A 50 -10.47 -3.05 -5.25
CA TYR A 50 -11.14 -4.34 -5.38
C TYR A 50 -11.16 -4.70 -6.87
N ARG A 51 -11.41 -5.98 -7.17
CA ARG A 51 -11.55 -6.35 -8.57
C ARG A 51 -12.85 -7.12 -8.74
N ARG A 52 -13.53 -6.85 -9.86
CA ARG A 52 -14.76 -7.52 -10.24
C ARG A 52 -14.41 -8.73 -11.09
N HIS A 53 -15.06 -9.86 -10.80
CA HIS A 53 -14.78 -11.12 -11.47
C HIS A 53 -15.90 -11.44 -12.46
N ARG A 54 -15.58 -12.19 -13.58
N ARG A 54 -15.55 -12.26 -13.46
CA ARG A 54 -16.69 -12.63 -14.41
CA ARG A 54 -16.62 -12.73 -14.38
C ARG A 54 -17.65 -13.41 -13.51
C ARG A 54 -17.66 -13.39 -13.46
N GLY A 55 -18.93 -13.03 -13.61
CA GLY A 55 -19.96 -13.45 -12.69
C GLY A 55 -20.49 -12.28 -11.88
N GLY A 56 -19.57 -11.40 -11.43
CA GLY A 56 -19.96 -10.17 -10.75
C GLY A 56 -19.64 -10.18 -9.25
N SER A 57 -18.90 -11.20 -8.80
CA SER A 57 -18.37 -11.19 -7.46
C SER A 57 -17.17 -10.24 -7.44
N VAL A 58 -16.94 -9.63 -6.28
CA VAL A 58 -15.90 -8.61 -6.12
CA VAL A 58 -15.89 -8.62 -6.13
C VAL A 58 -15.04 -9.00 -4.92
N THR A 59 -13.71 -9.02 -5.12
CA THR A 59 -12.83 -9.35 -4.03
C THR A 59 -11.77 -8.27 -3.87
N TYR A 60 -11.20 -8.20 -2.66
CA TYR A 60 -10.17 -7.21 -2.41
C TYR A 60 -8.90 -7.56 -3.17
N VAL A 61 -8.18 -6.52 -3.60
CA VAL A 61 -6.90 -6.66 -4.26
C VAL A 61 -5.78 -6.20 -3.33
N CYS A 62 -5.76 -4.90 -3.03
CA CYS A 62 -4.63 -4.24 -2.39
C CYS A 62 -5.09 -2.88 -1.90
N GLY A 63 -4.23 -2.28 -1.03
CA GLY A 63 -4.41 -0.93 -0.55
C GLY A 63 -3.83 0.06 -1.57
N GLY A 64 -4.08 1.33 -1.30
CA GLY A 64 -3.47 2.43 -2.03
C GLY A 64 -3.60 3.73 -1.23
N SER A 65 -3.16 4.86 -1.83
CA SER A 65 -3.22 6.14 -1.14
C SER A 65 -3.65 7.23 -2.12
N LEU A 66 -4.50 8.14 -1.62
CA LEU A 66 -4.98 9.24 -2.45
C LEU A 66 -3.96 10.38 -2.38
N ILE A 67 -3.30 10.66 -3.50
CA ILE A 67 -2.25 11.67 -3.49
C ILE A 67 -2.73 12.98 -4.13
N SER A 68 -3.84 12.93 -4.86
CA SER A 68 -4.54 14.13 -5.28
C SER A 68 -6.00 13.74 -5.49
N PRO A 69 -6.94 14.68 -5.71
CA PRO A 69 -8.33 14.32 -5.92
C PRO A 69 -8.61 13.20 -6.92
N CYS A 70 -7.87 13.18 -8.04
CA CYS A 70 -8.16 12.19 -9.07
C CYS A 70 -7.15 11.04 -9.09
N TRP A 71 -6.22 10.95 -8.14
CA TRP A 71 -5.08 10.05 -8.30
C TRP A 71 -4.83 9.19 -7.05
N VAL A 72 -4.81 7.85 -7.24
CA VAL A 72 -4.42 6.94 -6.16
C VAL A 72 -3.12 6.24 -6.56
N ILE A 73 -2.17 6.15 -5.61
CA ILE A 73 -0.93 5.44 -5.84
C ILE A 73 -0.93 4.13 -5.03
N SER A 74 -0.35 3.09 -5.62
CA SER A 74 -0.35 1.73 -5.09
C SER A 74 0.89 1.00 -5.64
N ALA A 75 0.82 -0.34 -5.67
CA ALA A 75 1.98 -1.14 -6.04
C ALA A 75 1.66 -1.89 -7.33
N THR A 76 2.60 -1.91 -8.29
CA THR A 76 2.36 -2.60 -9.57
C THR A 76 2.08 -4.09 -9.38
N HIS A 77 2.75 -4.75 -8.43
CA HIS A 77 2.56 -6.19 -8.25
C HIS A 77 1.10 -6.57 -8.02
N CYS A 78 0.33 -5.64 -7.42
CA CYS A 78 -1.08 -5.86 -7.15
C CYS A 78 -1.90 -6.07 -8.40
N PHE A 79 -1.43 -5.61 -9.57
CA PHE A 79 -2.28 -5.53 -10.75
C PHE A 79 -1.72 -6.30 -11.94
N ILE A 80 -0.44 -6.71 -11.86
CA ILE A 80 0.31 -7.14 -13.05
C ILE A 80 -0.36 -8.37 -13.69
N ASP A 81 -1.06 -9.18 -12.88
CA ASP A 81 -1.71 -10.38 -13.37
C ASP A 81 -2.96 -10.06 -14.17
N TYR A 82 -3.59 -8.92 -13.90
CA TYR A 82 -4.87 -8.58 -14.50
C TYR A 82 -4.85 -7.07 -14.78
N PRO A 83 -4.08 -6.64 -15.79
CA PRO A 83 -3.80 -5.22 -15.97
C PRO A 83 -4.88 -4.40 -16.69
N LYS A 84 -6.14 -4.83 -16.61
CA LYS A 84 -7.19 -4.09 -17.31
C LYS A 84 -7.97 -3.20 -16.34
N LYS A 85 -8.02 -1.90 -16.67
CA LYS A 85 -8.55 -0.95 -15.71
C LYS A 85 -10.01 -1.23 -15.43
N GLU A 86 -10.74 -1.77 -16.42
CA GLU A 86 -12.18 -1.99 -16.28
C GLU A 86 -12.54 -2.97 -15.16
N ASP A 87 -11.58 -3.76 -14.70
CA ASP A 87 -11.90 -4.79 -13.71
C ASP A 87 -11.97 -4.18 -12.30
N TYR A 88 -11.42 -2.97 -12.12
CA TYR A 88 -11.14 -2.52 -10.75
C TYR A 88 -12.17 -1.52 -10.26
N ILE A 89 -12.35 -1.52 -8.93
CA ILE A 89 -13.16 -0.55 -8.21
C ILE A 89 -12.26 0.02 -7.10
N VAL A 90 -12.39 1.31 -6.86
CA VAL A 90 -11.68 1.94 -5.76
C VAL A 90 -12.69 2.57 -4.82
N TYR A 91 -12.53 2.26 -3.52
CA TYR A 91 -13.27 2.97 -2.49
C TYR A 91 -12.38 3.90 -1.68
N LEU A 92 -12.88 5.11 -1.45
CA LEU A 92 -12.25 6.01 -0.49
C LEU A 92 -13.25 6.11 0.67
N GLY A 93 -12.76 6.52 1.85
CA GLY A 93 -13.59 6.75 3.02
C GLY A 93 -14.26 5.47 3.52
N ARG A 94 -13.60 4.32 3.31
CA ARG A 94 -14.16 3.04 3.70
C ARG A 94 -13.34 2.41 4.81
N SER A 95 -14.05 1.94 5.85
CA SER A 95 -13.38 1.41 7.03
C SER A 95 -13.48 -0.10 7.12
N ARG A 96 -14.33 -0.73 6.29
N ARG A 96 -14.33 -0.73 6.28
CA ARG A 96 -14.53 -2.17 6.39
CA ARG A 96 -14.55 -2.17 6.38
C ARG A 96 -14.30 -2.85 5.05
C ARG A 96 -14.32 -2.86 5.05
N LEU A 97 -13.95 -4.14 5.13
CA LEU A 97 -13.47 -4.85 3.95
C LEU A 97 -14.61 -5.25 3.03
N ASN A 98 -15.61 -5.96 3.56
CA ASN A 98 -16.66 -6.57 2.76
C ASN A 98 -18.03 -5.98 3.11
N SER A 99 -18.05 -4.83 3.80
CA SER A 99 -19.23 -4.10 4.24
C SER A 99 -19.07 -2.61 3.88
N ASN A 100 -20.18 -1.94 3.57
CA ASN A 100 -20.16 -0.53 3.25
C ASN A 100 -20.13 0.27 4.53
N THR A 101 -19.45 1.44 4.55
CA THR A 101 -19.47 2.28 5.72
C THR A 101 -19.88 3.70 5.32
N GLN A 102 -20.49 4.41 6.27
CA GLN A 102 -21.05 5.72 5.95
C GLN A 102 -19.91 6.67 5.60
N GLY A 103 -20.08 7.45 4.54
CA GLY A 103 -19.07 8.42 4.17
C GLY A 103 -18.09 7.88 3.11
N GLU A 104 -18.26 6.62 2.72
CA GLU A 104 -17.42 6.02 1.68
C GLU A 104 -17.85 6.58 0.32
N MET A 105 -16.94 6.56 -0.66
CA MET A 105 -17.26 6.95 -2.01
C MET A 105 -16.62 5.95 -2.98
N LYS A 106 -17.31 5.64 -4.07
CA LYS A 106 -16.88 4.58 -4.96
C LYS A 106 -16.46 5.18 -6.29
N PHE A 107 -15.37 4.67 -6.87
CA PHE A 107 -14.79 5.19 -8.09
C PHE A 107 -14.45 4.03 -9.03
N GLU A 108 -14.56 4.35 -10.33
CA GLU A 108 -14.02 3.47 -11.34
C GLU A 108 -12.58 3.90 -11.60
N VAL A 109 -11.83 3.07 -12.32
CA VAL A 109 -10.47 3.40 -12.65
C VAL A 109 -10.44 3.84 -14.12
N GLU A 110 -10.16 5.13 -14.35
CA GLU A 110 -10.11 5.78 -15.67
C GLU A 110 -8.77 5.51 -16.35
N ASN A 111 -7.71 5.33 -15.56
CA ASN A 111 -6.38 5.03 -16.09
C ASN A 111 -5.66 4.16 -15.05
N LEU A 112 -5.11 3.01 -15.51
CA LEU A 112 -4.31 2.16 -14.65
C LEU A 112 -2.90 2.11 -15.19
N ILE A 113 -1.99 2.73 -14.44
CA ILE A 113 -0.65 2.94 -14.95
C ILE A 113 0.27 2.06 -14.12
N LEU A 114 0.89 1.09 -14.77
CA LEU A 114 1.85 0.19 -14.13
C LEU A 114 3.24 0.60 -14.54
N HIS A 115 4.24 0.35 -13.67
CA HIS A 115 5.60 0.76 -13.96
C HIS A 115 6.17 -0.23 -14.98
N LYS A 116 6.62 0.28 -16.14
CA LYS A 116 6.99 -0.60 -17.24
C LYS A 116 8.26 -1.38 -16.91
N ASP A 117 8.97 -0.97 -15.85
CA ASP A 117 10.20 -1.66 -15.49
C ASP A 117 10.06 -2.44 -14.19
N TYR A 118 8.82 -2.77 -13.81
CA TYR A 118 8.56 -3.65 -12.69
C TYR A 118 9.28 -4.98 -12.91
N SER A 119 9.90 -5.48 -11.84
CA SER A 119 10.42 -6.83 -11.86
C SER A 119 10.51 -7.31 -10.42
N ALA A 120 10.52 -8.64 -10.26
CA ALA A 120 10.73 -9.28 -8.98
C ALA A 120 11.89 -10.25 -9.14
N ASP A 121 12.64 -10.50 -8.06
CA ASP A 121 13.33 -11.77 -7.94
C ASP A 121 12.51 -12.75 -7.10
N THR A 122 13.19 -13.56 -6.27
CA THR A 122 12.52 -14.49 -5.37
C THR A 122 11.73 -13.69 -4.33
N LEU A 123 12.31 -12.58 -3.90
CA LEU A 123 11.80 -11.84 -2.76
C LEU A 123 11.52 -10.39 -3.16
N ALA A 124 12.52 -9.72 -3.73
CA ALA A 124 12.54 -8.28 -3.93
C ALA A 124 11.65 -7.90 -5.12
N HIS A 125 10.89 -6.83 -4.93
CA HIS A 125 10.14 -6.21 -6.01
C HIS A 125 10.77 -4.87 -6.35
N HIS A 126 11.10 -4.66 -7.64
CA HIS A 126 11.68 -3.40 -8.07
C HIS A 126 10.60 -2.60 -8.77
N ASN A 127 10.68 -1.27 -8.64
CA ASN A 127 9.78 -0.37 -9.36
C ASN A 127 8.32 -0.73 -9.05
N ASP A 128 8.06 -1.04 -7.77
CA ASP A 128 6.74 -1.58 -7.44
C ASP A 128 5.84 -0.41 -7.04
N ILE A 129 5.31 0.25 -8.07
CA ILE A 129 4.59 1.52 -7.95
C ILE A 129 3.60 1.58 -9.11
N ALA A 130 2.36 2.00 -8.80
CA ALA A 130 1.31 2.00 -9.82
C ALA A 130 0.46 3.23 -9.55
N LEU A 131 -0.13 3.77 -10.63
CA LEU A 131 -1.05 4.90 -10.50
C LEU A 131 -2.43 4.53 -11.01
N LEU A 132 -3.45 4.99 -10.28
CA LEU A 132 -4.82 4.76 -10.68
C LEU A 132 -5.50 6.12 -10.74
N LYS A 133 -5.92 6.51 -11.94
CA LYS A 133 -6.75 7.71 -12.05
C LYS A 133 -8.19 7.31 -11.76
N ILE A 134 -8.80 7.95 -10.75
CA ILE A 134 -10.14 7.59 -10.35
C ILE A 134 -11.20 8.57 -10.89
N ARG A 135 -12.38 8.00 -11.19
CA ARG A 135 -13.50 8.82 -11.61
C ARG A 135 -14.79 8.12 -11.20
N SER A 136 -15.66 8.86 -10.52
CA SER A 136 -16.95 8.29 -10.17
C SER A 136 -17.81 8.19 -11.43
N LYS A 137 -18.88 7.39 -11.38
CA LYS A 137 -19.78 7.24 -12.51
C LYS A 137 -20.39 8.59 -12.88
N GLU A 138 -20.45 9.52 -11.92
CA GLU A 138 -20.97 10.85 -12.17
C GLU A 138 -19.89 11.77 -12.74
N GLY A 139 -18.67 11.23 -12.92
CA GLY A 139 -17.60 11.95 -13.60
C GLY A 139 -16.77 12.82 -12.65
N ARG A 140 -16.79 12.54 -11.35
CA ARG A 140 -16.10 13.39 -10.40
C ARG A 140 -14.89 12.71 -9.77
N CYS A 141 -13.91 13.52 -9.36
CA CYS A 141 -12.76 13.08 -8.58
C CYS A 141 -13.12 13.15 -7.08
N ALA A 142 -12.18 12.81 -6.20
CA ALA A 142 -12.53 12.73 -4.79
C ALA A 142 -12.85 14.11 -4.25
N GLN A 143 -13.75 14.16 -3.27
CA GLN A 143 -13.87 15.41 -2.53
C GLN A 143 -13.55 15.19 -1.06
N PRO A 144 -12.69 16.04 -0.48
CA PRO A 144 -12.27 15.89 0.92
C PRO A 144 -13.44 15.98 1.89
N SER A 145 -13.39 15.14 2.93
CA SER A 145 -14.44 15.08 3.93
C SER A 145 -13.85 14.56 5.22
N ARG A 146 -14.70 14.27 6.22
CA ARG A 146 -14.11 13.78 7.45
C ARG A 146 -13.51 12.39 7.22
N THR A 147 -13.88 11.73 6.10
CA THR A 147 -13.32 10.38 5.90
C THR A 147 -12.39 10.26 4.68
N ILE A 148 -12.20 11.38 3.96
CA ILE A 148 -11.39 11.35 2.75
C ILE A 148 -10.51 12.60 2.73
N GLN A 149 -9.20 12.38 2.63
CA GLN A 149 -8.26 13.49 2.53
C GLN A 149 -7.12 12.99 1.65
N THR A 150 -6.46 13.89 0.92
CA THR A 150 -5.22 13.50 0.26
C THR A 150 -4.05 13.42 1.23
N ILE A 151 -3.00 12.69 0.82
CA ILE A 151 -1.75 12.68 1.56
C ILE A 151 -0.65 13.38 0.74
N ALA A 152 0.16 14.20 1.42
CA ALA A 152 1.20 14.92 0.69
C ALA A 152 2.31 13.96 0.22
N LEU A 153 2.86 14.28 -0.96
CA LEU A 153 4.04 13.59 -1.41
C LEU A 153 5.27 14.29 -0.83
N PRO A 154 6.39 13.58 -0.64
CA PRO A 154 7.59 14.23 -0.12
C PRO A 154 8.21 15.07 -1.23
N SER A 155 9.11 15.99 -0.85
CA SER A 155 9.91 16.67 -1.86
C SER A 155 10.99 15.73 -2.40
N MET A 156 11.52 16.08 -3.60
CA MET A 156 12.43 15.19 -4.29
C MET A 156 13.53 14.82 -3.30
N TYR A 157 13.70 13.50 -3.16
CA TYR A 157 14.72 12.86 -2.33
C TYR A 157 14.61 13.25 -0.86
N ASN A 158 13.47 13.76 -0.39
CA ASN A 158 13.34 14.16 1.01
C ASN A 158 12.70 13.04 1.83
N ASP A 159 13.46 12.45 2.77
CA ASP A 159 12.98 11.38 3.64
C ASP A 159 13.24 11.71 5.11
N PRO A 160 12.51 11.08 6.07
CA PRO A 160 12.80 11.26 7.49
C PRO A 160 14.05 10.47 7.84
N GLN A 161 14.72 10.84 8.94
N GLN A 161 14.70 10.84 8.95
CA GLN A 161 15.93 10.11 9.26
CA GLN A 161 15.89 10.14 9.41
C GLN A 161 15.54 8.78 9.87
C GLN A 161 15.50 8.74 9.86
N PHE A 162 16.40 7.77 9.70
CA PHE A 162 16.14 6.44 10.22
C PHE A 162 15.88 6.57 11.71
N GLY A 163 15.18 5.59 12.31
CA GLY A 163 14.75 5.71 13.69
C GLY A 163 13.37 6.36 13.80
N THR A 164 12.97 7.15 12.78
CA THR A 164 11.69 7.84 12.76
C THR A 164 10.54 6.83 12.86
N SER A 165 9.52 7.14 13.65
CA SER A 165 8.35 6.27 13.73
C SER A 165 7.35 6.65 12.63
N CYS A 166 6.89 5.64 11.88
CA CYS A 166 5.92 5.86 10.81
C CYS A 166 4.71 4.93 10.97
N GLU A 167 3.65 5.21 10.21
CA GLU A 167 2.44 4.39 10.32
C GLU A 167 2.16 3.65 9.03
N ILE A 168 1.64 2.42 9.16
CA ILE A 168 1.17 1.66 8.02
C ILE A 168 -0.26 1.25 8.35
N THR A 169 -1.10 1.05 7.32
CA THR A 169 -2.51 0.71 7.51
C THR A 169 -3.00 -0.17 6.36
N GLY A 170 -3.96 -1.05 6.65
CA GLY A 170 -4.50 -1.92 5.63
C GLY A 170 -5.44 -2.98 6.16
N PHE A 171 -5.95 -3.74 5.20
CA PHE A 171 -6.83 -4.88 5.47
C PHE A 171 -6.08 -6.22 5.32
N GLY A 172 -4.75 -6.20 5.43
CA GLY A 172 -3.93 -7.39 5.26
C GLY A 172 -4.09 -8.37 6.43
N LYS A 173 -3.58 -9.59 6.26
CA LYS A 173 -3.72 -10.61 7.31
C LYS A 173 -3.21 -10.14 8.67
N GLU A 174 -3.86 -10.64 9.74
CA GLU A 174 -3.41 -10.29 11.09
C GLU A 174 -2.38 -11.31 11.63
N GLN A 175 -2.31 -12.49 10.99
CA GLN A 175 -1.23 -13.46 11.21
C GLN A 175 -0.89 -14.09 9.85
N SER A 176 0.40 -14.35 9.63
CA SER A 176 0.77 -14.86 8.30
C SER A 176 0.06 -16.18 7.99
N THR A 177 -0.30 -16.94 9.02
CA THR A 177 -0.90 -18.25 8.82
C THR A 177 -2.41 -18.20 8.63
N ASP A 178 -3.05 -17.03 8.82
CA ASP A 178 -4.49 -16.96 8.68
C ASP A 178 -4.86 -17.11 7.21
N TYR A 179 -6.09 -17.57 6.98
CA TYR A 179 -6.67 -17.60 5.66
C TYR A 179 -7.70 -16.47 5.46
N LEU A 180 -8.20 -15.90 6.55
CA LEU A 180 -9.17 -14.81 6.45
C LEU A 180 -8.47 -13.48 6.69
N TYR A 181 -9.13 -12.42 6.21
CA TYR A 181 -8.64 -11.06 6.33
C TYR A 181 -9.51 -10.33 7.33
N PRO A 182 -8.97 -9.36 8.09
CA PRO A 182 -9.78 -8.64 9.06
C PRO A 182 -10.83 -7.89 8.26
N GLU A 183 -12.01 -7.72 8.87
CA GLU A 183 -13.09 -6.97 8.25
C GLU A 183 -13.01 -5.47 8.54
N GLN A 184 -12.27 -5.07 9.57
CA GLN A 184 -12.09 -3.67 9.95
C GLN A 184 -10.64 -3.28 9.64
N LEU A 185 -10.47 -2.02 9.19
CA LEU A 185 -9.15 -1.50 8.89
C LEU A 185 -8.25 -1.51 10.12
N LYS A 186 -6.96 -1.81 9.91
CA LYS A 186 -6.01 -1.79 11.02
C LYS A 186 -4.86 -0.85 10.65
N MET A 187 -4.14 -0.41 11.68
CA MET A 187 -2.93 0.38 11.48
C MET A 187 -1.93 -0.01 12.56
N THR A 188 -0.65 0.22 12.29
CA THR A 188 0.36 0.03 13.30
C THR A 188 1.47 1.03 13.05
N VAL A 189 2.41 1.07 14.01
CA VAL A 189 3.57 1.95 13.93
C VAL A 189 4.81 1.09 13.73
N VAL A 190 5.70 1.57 12.84
CA VAL A 190 6.96 0.88 12.57
C VAL A 190 8.03 1.96 12.46
N LYS A 191 9.30 1.60 12.68
CA LYS A 191 10.35 2.61 12.64
C LYS A 191 11.21 2.40 11.41
N LEU A 192 11.73 3.50 10.83
CA LEU A 192 12.56 3.36 9.64
C LEU A 192 13.93 2.79 10.04
N ILE A 193 14.46 1.96 9.15
CA ILE A 193 15.70 1.25 9.39
C ILE A 193 16.70 1.74 8.36
N SER A 194 17.94 1.99 8.80
CA SER A 194 18.92 2.58 7.90
C SER A 194 19.23 1.58 6.80
N HIS A 195 19.69 2.11 5.66
CA HIS A 195 20.15 1.23 4.61
C HIS A 195 21.29 0.35 5.13
N ARG A 196 22.23 0.95 5.89
CA ARG A 196 23.34 0.17 6.41
C ARG A 196 22.82 -1.05 7.16
N GLU A 197 21.83 -0.86 8.06
CA GLU A 197 21.34 -1.99 8.82
C GLU A 197 20.52 -2.93 7.93
N CYS A 198 19.74 -2.38 6.99
CA CYS A 198 18.88 -3.28 6.22
C CYS A 198 19.70 -4.09 5.22
N GLN A 199 20.86 -3.57 4.82
CA GLN A 199 21.70 -4.23 3.81
C GLN A 199 22.71 -5.17 4.46
N GLN A 200 22.60 -5.36 5.78
CA GLN A 200 23.38 -6.43 6.42
C GLN A 200 22.89 -7.80 5.94
N PRO A 201 23.79 -8.77 5.71
CA PRO A 201 23.42 -10.13 5.28
C PRO A 201 22.26 -10.81 6.01
N HIS A 202 22.23 -10.72 7.35
CA HIS A 202 21.17 -11.35 8.12
C HIS A 202 19.84 -10.59 7.97
N TYR A 203 19.88 -9.36 7.45
CA TYR A 203 18.65 -8.68 7.04
C TYR A 203 18.33 -9.06 5.59
N TYR A 204 18.51 -8.13 4.64
CA TYR A 204 18.24 -8.51 3.25
C TYR A 204 19.45 -8.39 2.34
N GLY A 205 20.58 -7.88 2.86
CA GLY A 205 21.75 -7.77 2.01
C GLY A 205 21.52 -6.77 0.87
N SER A 206 21.98 -7.17 -0.32
CA SER A 206 21.99 -6.27 -1.47
C SER A 206 20.62 -6.27 -2.16
N GLU A 207 19.65 -6.97 -1.57
CA GLU A 207 18.29 -6.98 -2.10
C GLU A 207 17.65 -5.59 -1.98
N VAL A 208 18.05 -4.81 -0.98
CA VAL A 208 17.40 -3.50 -0.86
C VAL A 208 18.28 -2.43 -1.50
N THR A 209 17.64 -1.61 -2.32
CA THR A 209 18.33 -0.56 -3.05
C THR A 209 17.99 0.80 -2.46
N THR A 210 18.62 1.84 -3.02
CA THR A 210 18.32 3.22 -2.65
C THR A 210 16.88 3.58 -3.01
N LYS A 211 16.23 2.77 -3.87
CA LYS A 211 14.87 3.05 -4.34
C LYS A 211 13.82 2.40 -3.44
N MET A 212 14.27 1.92 -2.27
CA MET A 212 13.43 1.24 -1.30
C MET A 212 13.77 1.77 0.07
N LEU A 213 12.82 1.61 1.01
CA LEU A 213 13.00 1.94 2.42
C LEU A 213 12.61 0.70 3.22
N CYS A 214 13.35 0.45 4.30
CA CYS A 214 13.01 -0.61 5.25
C CYS A 214 12.39 -0.05 6.52
N ALA A 215 11.43 -0.80 7.07
CA ALA A 215 10.76 -0.33 8.28
C ALA A 215 10.21 -1.53 9.02
N ALA A 216 10.30 -1.45 10.35
CA ALA A 216 9.86 -2.58 11.14
C ALA A 216 9.79 -2.16 12.60
N ASP A 217 9.23 -3.09 13.37
CA ASP A 217 9.14 -2.92 14.81
C ASP A 217 10.46 -3.40 15.39
N PRO A 218 11.09 -2.62 16.29
CA PRO A 218 12.27 -3.08 17.03
C PRO A 218 12.15 -4.47 17.66
N GLN A 219 10.97 -4.79 18.19
CA GLN A 219 10.76 -6.08 18.84
C GLN A 219 10.19 -7.11 17.86
N TRP A 220 10.02 -6.70 16.59
CA TRP A 220 9.59 -7.61 15.53
C TRP A 220 8.21 -8.19 15.80
N LYS A 221 7.33 -7.41 16.44
N LYS A 221 7.31 -7.41 16.43
CA LYS A 221 6.03 -7.93 16.80
CA LYS A 221 6.00 -7.92 16.82
C LYS A 221 4.93 -7.44 15.85
C LYS A 221 4.84 -7.22 16.09
N THR A 222 5.16 -6.30 15.19
CA THR A 222 4.12 -5.70 14.35
C THR A 222 4.68 -5.38 12.97
N ASP A 223 3.87 -5.59 11.89
CA ASP A 223 4.37 -5.49 10.53
C ASP A 223 3.19 -5.49 9.56
N SER A 224 3.50 -5.16 8.29
CA SER A 224 2.54 -5.38 7.21
C SER A 224 2.59 -6.84 6.79
N CYS A 225 1.57 -7.31 6.08
CA CYS A 225 1.46 -8.71 5.68
C CYS A 225 0.67 -8.79 4.38
N GLN A 226 0.44 -10.01 3.86
CA GLN A 226 -0.28 -10.17 2.61
C GLN A 226 -1.60 -9.42 2.71
N GLY A 227 -1.95 -8.66 1.65
CA GLY A 227 -3.20 -7.91 1.69
C GLY A 227 -2.90 -6.44 1.95
N ASP A 228 -1.75 -6.16 2.58
CA ASP A 228 -1.44 -4.76 2.89
C ASP A 228 -0.67 -4.06 1.76
N SER A 229 -0.25 -4.82 0.76
CA SER A 229 0.48 -4.26 -0.35
C SER A 229 -0.25 -3.04 -0.94
N GLY A 230 0.55 -2.10 -1.43
CA GLY A 230 0.09 -0.91 -2.13
C GLY A 230 -0.32 0.19 -1.16
N GLY A 231 -0.54 -0.16 0.11
CA GLY A 231 -0.94 0.82 1.11
C GLY A 231 0.21 1.71 1.55
N PRO A 232 -0.13 2.77 2.32
CA PRO A 232 0.85 3.80 2.70
C PRO A 232 1.77 3.44 3.87
N LEU A 233 2.98 3.99 3.81
CA LEU A 233 3.88 4.19 4.96
C LEU A 233 3.99 5.69 5.18
N VAL A 234 3.36 6.18 6.24
CA VAL A 234 3.13 7.61 6.40
C VAL A 234 4.03 8.12 7.50
N CYS A 235 4.73 9.22 7.21
CA CYS A 235 5.64 9.72 8.23
C CYS A 235 5.39 11.21 8.36
N SER A 236 5.66 11.75 9.55
CA SER A 236 5.71 13.20 9.65
C SER A 236 7.09 13.65 9.19
N LEU A 237 7.10 14.56 8.21
CA LEU A 237 8.32 14.99 7.54
C LEU A 237 8.15 16.47 7.24
N GLN A 238 9.17 17.27 7.62
CA GLN A 238 9.08 18.73 7.66
C GLN A 238 7.71 19.18 8.17
N GLY A 239 7.21 18.48 9.20
CA GLY A 239 5.98 18.79 9.89
C GLY A 239 4.74 18.61 9.01
N ARG A 240 4.78 17.61 8.12
CA ARG A 240 3.64 17.28 7.28
C ARG A 240 3.49 15.77 7.23
N MET A 241 2.25 15.30 7.26
CA MET A 241 2.02 13.88 7.02
C MET A 241 2.34 13.61 5.55
N THR A 242 3.29 12.70 5.32
CA THR A 242 3.85 12.50 4.00
C THR A 242 3.81 11.02 3.65
N LEU A 243 3.52 10.71 2.40
CA LEU A 243 3.63 9.35 1.90
C LEU A 243 5.08 9.05 1.60
N THR A 244 5.75 8.45 2.57
CA THR A 244 7.17 8.17 2.45
C THR A 244 7.38 6.88 1.69
N GLY A 245 6.48 5.90 1.88
CA GLY A 245 6.66 4.59 1.28
C GLY A 245 5.32 3.98 0.83
N ILE A 246 5.40 2.92 0.05
CA ILE A 246 4.32 2.08 -0.43
C ILE A 246 4.65 0.65 -0.06
N VAL A 247 3.73 -0.05 0.63
CA VAL A 247 4.00 -1.42 1.04
C VAL A 247 4.30 -2.28 -0.19
N SER A 248 5.50 -2.93 -0.18
CA SER A 248 5.97 -3.61 -1.38
C SER A 248 6.31 -5.09 -1.10
N TRP A 249 7.30 -5.41 -0.26
CA TRP A 249 7.73 -6.78 -0.15
C TRP A 249 8.38 -7.03 1.21
N GLY A 250 8.71 -8.31 1.44
CA GLY A 250 9.42 -8.68 2.64
C GLY A 250 9.35 -10.20 2.81
N ARG A 251 10.25 -10.75 3.62
CA ARG A 251 10.19 -12.18 3.86
C ARG A 251 9.31 -12.49 5.07
N GLY A 252 8.25 -13.26 4.82
CA GLY A 252 7.23 -13.53 5.83
C GLY A 252 6.61 -12.22 6.31
N CYS A 253 6.04 -12.24 7.53
CA CYS A 253 5.52 -11.02 8.13
C CYS A 253 5.87 -11.06 9.62
N ALA A 254 6.47 -9.97 10.15
CA ALA A 254 6.84 -9.86 11.56
C ALA A 254 7.84 -10.94 11.97
N LEU A 255 8.80 -11.24 11.08
CA LEU A 255 9.91 -12.14 11.37
C LEU A 255 11.12 -11.28 11.75
N LYS A 256 11.89 -11.76 12.75
CA LYS A 256 13.12 -11.14 13.22
C LYS A 256 14.08 -10.89 12.05
N ASP A 257 14.62 -9.66 12.00
CA ASP A 257 15.62 -9.20 11.04
C ASP A 257 15.07 -9.22 9.62
N LYS A 258 13.73 -9.22 9.47
CA LYS A 258 13.13 -9.25 8.14
C LYS A 258 12.12 -8.11 8.03
N PRO A 259 12.57 -6.85 7.87
CA PRO A 259 11.66 -5.70 7.90
C PRO A 259 10.69 -5.69 6.72
N GLY A 260 9.66 -4.84 6.81
CA GLY A 260 8.90 -4.55 5.61
C GLY A 260 9.78 -3.75 4.65
N VAL A 261 9.61 -3.97 3.32
CA VAL A 261 10.27 -3.13 2.35
C VAL A 261 9.23 -2.35 1.54
N TYR A 262 9.52 -1.06 1.36
CA TYR A 262 8.54 -0.09 0.89
C TYR A 262 9.16 0.59 -0.29
N THR A 263 8.36 0.82 -1.34
CA THR A 263 8.87 1.64 -2.44
C THR A 263 9.13 3.06 -1.91
N ARG A 264 10.34 3.59 -2.21
CA ARG A 264 10.75 4.88 -1.69
C ARG A 264 10.21 6.02 -2.56
N VAL A 265 9.08 6.60 -2.16
CA VAL A 265 8.32 7.54 -2.97
C VAL A 265 9.14 8.77 -3.41
N SER A 266 10.00 9.28 -2.53
CA SER A 266 10.71 10.53 -2.83
C SER A 266 11.72 10.33 -3.97
N HIS A 267 11.95 9.08 -4.35
CA HIS A 267 12.87 8.77 -5.44
C HIS A 267 12.08 8.44 -6.70
N PHE A 268 10.75 8.72 -6.71
CA PHE A 268 9.91 8.40 -7.87
C PHE A 268 9.12 9.62 -8.35
N LEU A 269 9.54 10.82 -7.95
CA LEU A 269 8.74 11.98 -8.23
C LEU A 269 8.65 12.21 -9.74
N PRO A 270 9.72 12.01 -10.55
CA PRO A 270 9.63 12.18 -12.00
C PRO A 270 8.69 11.19 -12.69
N TRP A 271 8.74 9.90 -12.26
CA TRP A 271 7.81 8.89 -12.74
C TRP A 271 6.38 9.34 -12.40
N ILE A 272 6.16 9.77 -11.16
CA ILE A 272 4.81 10.17 -10.74
C ILE A 272 4.36 11.42 -11.53
N ARG A 273 5.28 12.36 -11.70
CA ARG A 273 5.01 13.61 -12.41
C ARG A 273 4.71 13.33 -13.89
N SER A 274 5.55 12.54 -14.53
CA SER A 274 5.42 12.33 -15.97
C SER A 274 4.21 11.45 -16.30
N HIS A 275 3.55 10.89 -15.28
CA HIS A 275 2.41 10.04 -15.59
C HIS A 275 1.10 10.65 -15.13
N THR A 276 1.14 11.77 -14.38
CA THR A 276 -0.08 12.36 -13.84
C THR A 276 -0.37 13.76 -14.41
N LYS A 277 0.34 14.18 -15.47
CA LYS A 277 0.12 15.51 -16.03
C LYS A 277 -1.31 15.66 -16.54
N GLU A 278 -1.85 16.89 -16.43
CA GLU A 278 -3.25 17.18 -16.72
C GLU A 278 -3.45 17.42 -18.23
N CYS B 1 -4.65 -21.46 -3.80
CA CYS B 1 -4.40 -20.31 -4.71
C CYS B 1 -5.42 -20.36 -5.86
N SER B 2 -6.00 -19.20 -6.18
CA SER B 2 -7.07 -19.11 -7.17
C SER B 2 -7.20 -17.67 -7.66
N ARG B 3 -8.18 -17.46 -8.54
CA ARG B 3 -8.40 -16.15 -9.14
C ARG B 3 -8.88 -15.14 -8.08
N TYR B 4 -9.35 -15.64 -6.92
CA TYR B 4 -9.89 -14.77 -5.88
C TYR B 4 -8.86 -14.46 -4.80
N GLU B 5 -7.60 -14.80 -5.05
CA GLU B 5 -6.62 -14.58 -3.99
C GLU B 5 -6.50 -13.07 -3.81
N VAL B 6 -6.36 -12.67 -2.56
CA VAL B 6 -6.03 -11.28 -2.24
C VAL B 6 -4.52 -11.15 -2.35
N ASP B 7 -4.05 -10.07 -3.00
CA ASP B 7 -2.66 -9.67 -2.99
C ASP B 7 -1.73 -10.88 -3.13
N CYS B 8 -1.86 -11.57 -4.27
CA CYS B 8 -1.23 -12.86 -4.42
C CYS B 8 0.30 -12.76 -4.51
N ARG B 9 0.83 -11.57 -4.86
CA ARG B 9 2.26 -11.34 -4.92
C ARG B 9 2.77 -10.54 -3.74
N GLY B 10 1.91 -10.40 -2.72
CA GLY B 10 2.33 -9.68 -1.52
C GLY B 10 3.15 -10.58 -0.60
N ARG B 11 3.63 -9.98 0.50
CA ARG B 11 4.55 -10.65 1.40
C ARG B 11 3.85 -11.84 2.05
N GLY B 12 4.47 -13.01 1.94
CA GLY B 12 3.85 -14.23 2.44
C GLY B 12 2.84 -14.81 1.46
N GLY B 13 2.60 -14.13 0.32
CA GLY B 13 1.63 -14.65 -0.64
C GLY B 13 2.19 -15.82 -1.47
N PRO B 14 1.38 -16.56 -2.26
CA PRO B 14 1.91 -17.66 -3.09
C PRO B 14 3.02 -17.25 -4.06
N CYS B 15 2.95 -16.01 -4.54
CA CYS B 15 3.95 -15.52 -5.49
C CYS B 15 4.62 -14.24 -5.00
N GLY B 16 4.76 -14.10 -3.67
CA GLY B 16 5.33 -12.91 -3.07
C GLY B 16 6.85 -13.06 -2.91
#